data_4C5H
#
_entry.id   4C5H
#
_cell.length_a   120.780
_cell.length_b   120.780
_cell.length_c   153.020
_cell.angle_alpha   90.00
_cell.angle_beta   90.00
_cell.angle_gamma   120.00
#
_symmetry.space_group_name_H-M   'P 31 2 1'
#
loop_
_entity.id
_entity.type
_entity.pdbx_description
1 polymer 'POLYCOMB PROTEIN SFMBT'
2 polymer 'POLYCOMB PROTEIN PHO'
#
loop_
_entity_poly.entity_id
_entity_poly.type
_entity_poly.pdbx_seq_one_letter_code
_entity_poly.pdbx_strand_id
1 'polypeptide(L)'
;MDPTHSYDWLPRLSKENFNAAPVTCFPHAPGCEVWDNLGVGMKVEVENTDCDSIEVIQPGQTPTSFWVATILEIKGYKAL
MSYEGFDTDSHDFWVNLCNAEVHSVGWCATRGKPLIPPRTIEHKYKDWKDFLVGRLSGARTLPSNFYNKINDSLQSRFRL
GLNLECVDKDRISQVRLATVTKIVGKRLFLRYFDSDDGFWCHEDSPIIHPVGWATTVGHNLAAPQDYLERMLAGREAMIE
VHEDDATIELFKMNFTFDEYYSDGKTNSFVEGMKLEAVDPLNLSSICPATVMAVLKFGYMMIRIDSYQPDASGSDWFCYH
EKSPCIFPAGFCSVNNISVTPPNGYDSRTFTWEGYLRDTGAVAAGQHLFHRIIPDHGFEVGMSLECADLMDPRLVCVATV
ARVVGRLLKVHFDGWTDEYDQWLDCESADIYPVGWCVLVNHKLEGPPRVAH
;
A
2 'polypeptide(L)'
;GAMADINTEESGVVDKNSPFLTLGTTILNSNGKSRRWEQKLVHIKTMEGEFSVTMWASGISDDEYSGSDQIVGASDLLKG
KEEFGIDGFTSQQNKEYQKMESKFTNAQTLEMPHPISSVQIMDHLIKERGNLSQE
;
B
#
# COMPACT_ATOMS: atom_id res chain seq x y z
N HIS A 5 17.53 -14.75 -5.88
CA HIS A 5 16.54 -14.88 -6.95
C HIS A 5 15.15 -14.45 -6.48
N SER A 6 14.59 -13.44 -7.14
CA SER A 6 13.25 -12.98 -6.83
C SER A 6 12.22 -13.88 -7.49
N TYR A 7 11.19 -14.26 -6.73
CA TYR A 7 10.16 -15.18 -7.22
C TYR A 7 9.35 -14.56 -8.34
N ASP A 8 9.12 -15.33 -9.40
CA ASP A 8 8.39 -14.84 -10.55
C ASP A 8 6.98 -15.43 -10.58
N TRP A 9 6.01 -14.62 -10.95
CA TRP A 9 4.60 -15.04 -10.93
C TRP A 9 4.21 -15.81 -12.19
N LEU A 10 5.11 -15.82 -13.17
CA LEU A 10 4.80 -16.38 -14.50
C LEU A 10 4.19 -17.80 -14.53
N PRO A 11 4.77 -18.76 -13.79
CA PRO A 11 4.14 -20.09 -13.82
C PRO A 11 2.80 -20.10 -13.11
N ARG A 12 2.53 -19.08 -12.31
CA ARG A 12 1.27 -18.99 -11.56
C ARG A 12 0.26 -18.11 -12.30
N LEU A 13 0.75 -17.26 -13.20
CA LEU A 13 -0.12 -16.43 -14.03
C LEU A 13 -0.77 -17.29 -15.10
N SER A 14 0.03 -18.19 -15.67
CA SER A 14 -0.41 -19.04 -16.76
C SER A 14 -1.60 -19.90 -16.37
N LYS A 15 -1.60 -20.40 -15.14
CA LYS A 15 -2.68 -21.24 -14.65
C LYS A 15 -4.01 -20.51 -14.60
N GLU A 16 -5.08 -21.23 -14.93
CA GLU A 16 -6.43 -20.70 -14.82
C GLU A 16 -6.85 -20.69 -13.34
N ASN A 17 -7.92 -19.96 -13.03
CA ASN A 17 -8.41 -19.85 -11.66
C ASN A 17 -7.37 -19.31 -10.68
N PHE A 18 -6.48 -18.45 -11.18
CA PHE A 18 -5.49 -17.77 -10.36
C PHE A 18 -6.03 -16.40 -9.98
N ASN A 19 -6.59 -16.30 -8.79
CA ASN A 19 -7.21 -15.05 -8.33
C ASN A 19 -6.18 -14.07 -7.82
N ALA A 20 -6.17 -12.86 -8.39
CA ALA A 20 -5.20 -11.84 -8.04
C ALA A 20 -5.86 -10.50 -7.74
N ALA A 21 -5.37 -9.81 -6.71
CA ALA A 21 -5.90 -8.52 -6.31
C ALA A 21 -5.66 -7.46 -7.37
N PRO A 22 -6.73 -6.77 -7.81
CA PRO A 22 -6.60 -5.68 -8.77
C PRO A 22 -5.91 -4.47 -8.14
N VAL A 23 -5.22 -3.69 -8.97
CA VAL A 23 -4.45 -2.53 -8.51
C VAL A 23 -5.32 -1.53 -7.74
N THR A 24 -6.58 -1.40 -8.14
CA THR A 24 -7.51 -0.45 -7.53
C THR A 24 -7.74 -0.72 -6.04
N CYS A 25 -7.44 -1.93 -5.59
CA CYS A 25 -7.61 -2.30 -4.17
C CYS A 25 -6.57 -1.66 -3.27
N PHE A 26 -5.54 -1.08 -3.89
CA PHE A 26 -4.42 -0.52 -3.16
C PHE A 26 -4.30 0.98 -3.37
N PRO A 27 -4.82 1.77 -2.42
CA PRO A 27 -4.80 3.24 -2.47
C PRO A 27 -3.40 3.82 -2.59
N HIS A 28 -2.41 3.10 -2.07
CA HIS A 28 -1.04 3.62 -2.02
C HIS A 28 -0.23 3.21 -3.25
N ALA A 29 -0.77 2.30 -4.06
CA ALA A 29 -0.08 1.79 -5.23
C ALA A 29 -0.05 2.85 -6.32
N PRO A 30 1.02 2.87 -7.13
CA PRO A 30 1.10 3.79 -8.25
C PRO A 30 0.15 3.42 -9.37
N GLY A 31 -0.39 4.41 -10.07
CA GLY A 31 -1.31 4.18 -11.16
C GLY A 31 -2.67 3.70 -10.70
N CYS A 32 -2.90 3.76 -9.39
CA CYS A 32 -4.16 3.32 -8.81
C CYS A 32 -5.35 4.18 -9.26
N GLU A 33 -5.13 5.49 -9.36
CA GLU A 33 -6.21 6.40 -9.72
C GLU A 33 -6.52 6.40 -11.21
N VAL A 34 -5.58 5.93 -12.02
CA VAL A 34 -5.78 5.88 -13.46
C VAL A 34 -6.07 4.47 -13.95
N TRP A 35 -6.26 3.55 -13.01
CA TRP A 35 -6.52 2.16 -13.34
C TRP A 35 -7.96 1.97 -13.80
N ASP A 36 -8.78 3.00 -13.57
CA ASP A 36 -10.18 2.98 -13.98
C ASP A 36 -10.30 3.47 -15.42
N ASN A 37 -9.22 4.07 -15.94
CA ASN A 37 -9.18 4.47 -17.33
C ASN A 37 -8.56 3.37 -18.19
N LEU A 38 -8.39 2.21 -17.56
CA LEU A 38 -7.84 1.03 -18.23
C LEU A 38 -8.79 -0.15 -18.06
N GLY A 39 -9.21 -0.73 -19.18
CA GLY A 39 -10.12 -1.86 -19.15
C GLY A 39 -9.65 -3.02 -19.99
N VAL A 40 -10.23 -4.19 -19.74
CA VAL A 40 -9.86 -5.40 -20.46
C VAL A 40 -10.28 -5.34 -21.92
N GLY A 41 -9.34 -5.64 -22.82
CA GLY A 41 -9.64 -5.71 -24.24
C GLY A 41 -9.35 -4.44 -25.01
N MET A 42 -8.48 -3.59 -24.47
CA MET A 42 -8.10 -2.35 -25.15
C MET A 42 -6.91 -2.56 -26.07
N LYS A 43 -6.91 -1.88 -27.21
CA LYS A 43 -5.83 -1.99 -28.17
C LYS A 43 -4.65 -1.11 -27.75
N VAL A 44 -3.46 -1.69 -27.75
CA VAL A 44 -2.26 -0.95 -27.36
C VAL A 44 -1.09 -1.23 -28.31
N GLU A 45 -0.21 -0.24 -28.47
CA GLU A 45 1.02 -0.43 -29.23
C GLU A 45 2.09 -0.99 -28.30
N VAL A 46 2.67 -2.13 -28.68
CA VAL A 46 3.62 -2.82 -27.82
C VAL A 46 4.87 -3.24 -28.59
N GLU A 47 5.98 -3.38 -27.87
CA GLU A 47 7.25 -3.78 -28.45
C GLU A 47 7.16 -5.10 -29.20
N ASN A 48 7.62 -5.12 -30.44
CA ASN A 48 7.57 -6.31 -31.28
C ASN A 48 8.74 -7.25 -30.99
N THR A 49 8.45 -8.39 -30.36
CA THR A 49 9.48 -9.36 -30.03
C THR A 49 9.74 -10.29 -31.22
N SER A 65 10.77 -1.19 -32.99
CA SER A 65 9.63 -1.62 -33.77
C SER A 65 8.47 -2.04 -32.89
N PHE A 66 7.32 -1.41 -33.07
CA PHE A 66 6.14 -1.70 -32.26
C PHE A 66 4.99 -2.26 -33.12
N TRP A 67 4.09 -2.99 -32.47
CA TRP A 67 2.92 -3.52 -33.15
C TRP A 67 1.70 -3.46 -32.22
N VAL A 68 0.51 -3.50 -32.79
CA VAL A 68 -0.73 -3.40 -32.01
C VAL A 68 -1.08 -4.74 -31.35
N ALA A 69 -1.49 -4.68 -30.09
CA ALA A 69 -1.90 -5.88 -29.37
C ALA A 69 -3.17 -5.62 -28.54
N THR A 70 -3.73 -6.69 -27.97
CA THR A 70 -4.95 -6.60 -27.17
C THR A 70 -4.71 -7.13 -25.77
N ILE A 71 -5.23 -6.43 -24.77
CA ILE A 71 -5.08 -6.84 -23.38
C ILE A 71 -6.16 -7.85 -23.01
N LEU A 72 -5.79 -9.13 -22.94
CA LEU A 72 -6.76 -10.20 -22.71
C LEU A 72 -7.11 -10.36 -21.23
N GLU A 73 -6.10 -10.34 -20.37
CA GLU A 73 -6.30 -10.46 -18.93
C GLU A 73 -5.48 -9.42 -18.17
N ILE A 74 -6.00 -9.01 -17.02
CA ILE A 74 -5.29 -8.07 -16.15
C ILE A 74 -5.28 -8.58 -14.71
N LYS A 75 -4.13 -9.06 -14.27
CA LYS A 75 -3.96 -9.56 -12.92
C LYS A 75 -2.93 -8.70 -12.20
N GLY A 76 -3.41 -7.73 -11.41
CA GLY A 76 -2.53 -6.77 -10.79
C GLY A 76 -1.89 -5.88 -11.85
N TYR A 77 -0.56 -5.88 -11.90
CA TYR A 77 0.16 -5.12 -12.92
C TYR A 77 0.40 -5.99 -14.16
N LYS A 78 0.36 -7.30 -13.96
CA LYS A 78 0.56 -8.26 -15.04
C LYS A 78 -0.62 -8.22 -16.03
N ALA A 79 -0.29 -8.22 -17.31
CA ALA A 79 -1.29 -8.16 -18.36
C ALA A 79 -1.01 -9.19 -19.44
N LEU A 80 -1.99 -10.06 -19.69
CA LEU A 80 -1.88 -11.03 -20.76
C LEU A 80 -2.24 -10.37 -22.09
N MET A 81 -1.30 -10.39 -23.02
CA MET A 81 -1.48 -9.64 -24.27
C MET A 81 -1.34 -10.50 -25.51
N SER A 82 -2.14 -10.21 -26.53
CA SER A 82 -2.08 -10.94 -27.80
C SER A 82 -2.00 -10.00 -28.99
N TYR A 83 -1.13 -10.31 -29.93
CA TYR A 83 -0.94 -9.48 -31.12
C TYR A 83 -2.18 -9.49 -32.02
N GLU A 84 -2.30 -8.47 -32.87
CA GLU A 84 -3.38 -8.40 -33.84
C GLU A 84 -2.96 -9.10 -35.12
N GLY A 85 -3.60 -10.24 -35.39
CA GLY A 85 -3.21 -11.08 -36.51
C GLY A 85 -3.01 -12.50 -36.02
N PHE A 86 -2.89 -12.64 -34.70
CA PHE A 86 -2.83 -13.96 -34.07
C PHE A 86 -4.16 -14.26 -33.40
N ASP A 87 -4.80 -15.34 -33.83
CA ASP A 87 -6.11 -15.71 -33.30
C ASP A 87 -6.06 -17.03 -32.54
N THR A 88 -4.85 -17.56 -32.36
CA THR A 88 -4.66 -18.76 -31.55
C THR A 88 -3.98 -18.37 -30.24
N ASP A 89 -4.59 -18.76 -29.13
CA ASP A 89 -4.03 -18.44 -27.81
C ASP A 89 -2.83 -19.30 -27.48
N SER A 90 -1.85 -19.31 -28.39
CA SER A 90 -0.62 -20.06 -28.21
C SER A 90 0.57 -19.14 -28.44
N HIS A 91 0.30 -17.96 -28.97
CA HIS A 91 1.33 -16.96 -29.21
C HIS A 91 1.17 -15.77 -28.27
N ASP A 92 0.23 -15.87 -27.33
CA ASP A 92 0.01 -14.83 -26.34
C ASP A 92 1.20 -14.71 -25.41
N PHE A 93 1.31 -13.57 -24.72
CA PHE A 93 2.42 -13.35 -23.80
C PHE A 93 2.04 -12.44 -22.64
N TRP A 94 2.62 -12.70 -21.48
CA TRP A 94 2.41 -11.86 -20.31
C TRP A 94 3.43 -10.72 -20.28
N VAL A 95 2.97 -9.53 -19.93
CA VAL A 95 3.85 -8.39 -19.76
C VAL A 95 3.56 -7.69 -18.45
N ASN A 96 4.48 -6.84 -18.02
CA ASN A 96 4.22 -5.93 -16.92
C ASN A 96 3.84 -4.58 -17.51
N LEU A 97 2.61 -4.15 -17.27
CA LEU A 97 2.03 -3.00 -17.95
C LEU A 97 2.81 -1.70 -17.79
N CYS A 98 3.36 -1.47 -16.60
CA CYS A 98 3.99 -0.21 -16.29
C CYS A 98 5.49 -0.20 -16.56
N ASN A 99 6.04 -1.35 -16.94
CA ASN A 99 7.46 -1.46 -17.21
C ASN A 99 7.78 -1.58 -18.69
N ALA A 100 7.12 -2.50 -19.37
CA ALA A 100 7.39 -2.76 -20.79
C ALA A 100 7.01 -1.57 -21.67
N GLU A 101 7.54 -1.57 -22.89
CA GLU A 101 7.29 -0.49 -23.84
C GLU A 101 5.87 -0.55 -24.41
N VAL A 102 4.88 -0.32 -23.54
CA VAL A 102 3.48 -0.30 -23.97
C VAL A 102 2.99 1.14 -24.03
N HIS A 103 2.31 1.49 -25.12
CA HIS A 103 1.74 2.82 -25.28
C HIS A 103 0.33 2.72 -25.84
N SER A 104 -0.39 3.84 -25.86
CA SER A 104 -1.71 3.87 -26.48
C SER A 104 -1.54 3.99 -27.99
N VAL A 105 -2.57 3.59 -28.74
CA VAL A 105 -2.50 3.60 -30.19
C VAL A 105 -2.34 5.02 -30.73
N GLY A 106 -1.48 5.17 -31.73
CA GLY A 106 -1.24 6.47 -32.34
C GLY A 106 0.03 7.12 -31.83
N TRP A 107 0.67 6.47 -30.88
CA TRP A 107 1.87 7.01 -30.25
C TRP A 107 3.09 6.91 -31.14
N CYS A 108 3.24 5.78 -31.83
CA CYS A 108 4.36 5.57 -32.75
C CYS A 108 4.33 6.57 -33.91
N ALA A 109 3.14 7.01 -34.29
CA ALA A 109 3.01 7.98 -35.37
C ALA A 109 3.65 9.31 -34.98
N THR A 110 3.34 9.78 -33.78
CA THR A 110 3.89 11.03 -33.27
C THR A 110 5.40 10.94 -33.09
N ARG A 111 5.90 9.76 -32.76
CA ARG A 111 7.32 9.53 -32.58
C ARG A 111 7.98 9.15 -33.90
N GLY A 112 7.23 9.27 -34.99
CA GLY A 112 7.75 9.00 -36.33
C GLY A 112 8.15 7.57 -36.57
N LYS A 113 7.55 6.65 -35.80
CA LYS A 113 7.86 5.23 -35.92
C LYS A 113 6.73 4.46 -36.59
N PRO A 114 7.06 3.64 -37.59
CA PRO A 114 6.07 2.84 -38.31
C PRO A 114 5.69 1.55 -37.58
N LEU A 115 4.40 1.20 -37.60
CA LEU A 115 3.94 -0.05 -37.01
C LEU A 115 4.29 -1.22 -37.91
N ILE A 116 5.14 -2.11 -37.41
CA ILE A 116 5.62 -3.24 -38.21
C ILE A 116 5.08 -4.57 -37.70
N PRO A 117 4.37 -5.31 -38.57
CA PRO A 117 3.77 -6.60 -38.23
C PRO A 117 4.81 -7.67 -37.91
N PRO A 118 4.47 -8.60 -37.01
CA PRO A 118 5.34 -9.72 -36.65
C PRO A 118 5.72 -10.58 -37.86
N ARG A 119 6.83 -11.29 -37.76
CA ARG A 119 7.36 -12.06 -38.89
C ARG A 119 6.41 -13.18 -39.32
N THR A 120 5.70 -13.74 -38.35
CA THR A 120 4.81 -14.87 -38.61
C THR A 120 3.61 -14.47 -39.48
N ILE A 121 3.09 -13.27 -39.26
CA ILE A 121 1.87 -12.83 -39.93
C ILE A 121 2.11 -11.70 -40.92
N GLU A 122 3.37 -11.49 -41.31
CA GLU A 122 3.71 -10.38 -42.20
C GLU A 122 3.14 -10.55 -43.60
N HIS A 123 2.74 -11.77 -43.92
CA HIS A 123 2.21 -12.08 -45.26
C HIS A 123 0.76 -12.56 -45.17
N LYS A 124 0.23 -12.59 -43.95
CA LYS A 124 -1.10 -13.14 -43.69
C LYS A 124 -2.23 -12.34 -44.33
N TYR A 125 -2.18 -11.02 -44.19
CA TYR A 125 -3.23 -10.16 -44.73
C TYR A 125 -2.74 -9.39 -45.96
N LYS A 126 -3.68 -8.98 -46.81
CA LYS A 126 -3.34 -8.29 -48.06
C LYS A 126 -3.22 -6.79 -47.87
N ASP A 127 -4.30 -6.16 -47.39
CA ASP A 127 -4.27 -4.73 -47.13
C ASP A 127 -4.21 -4.45 -45.63
N TRP A 128 -3.03 -4.09 -45.15
CA TRP A 128 -2.85 -3.80 -43.73
C TRP A 128 -3.65 -2.59 -43.29
N LYS A 129 -3.95 -1.70 -44.24
CA LYS A 129 -4.75 -0.52 -43.95
C LYS A 129 -6.12 -0.92 -43.43
N ASP A 130 -6.89 -1.65 -44.24
CA ASP A 130 -8.25 -2.02 -43.86
C ASP A 130 -8.30 -3.06 -42.73
N PHE A 131 -7.18 -3.73 -42.51
CA PHE A 131 -7.09 -4.69 -41.41
C PHE A 131 -7.00 -3.96 -40.08
N LEU A 132 -6.00 -3.08 -39.96
CA LEU A 132 -5.84 -2.28 -38.76
C LEU A 132 -7.03 -1.35 -38.54
N VAL A 133 -7.49 -0.71 -39.62
CA VAL A 133 -8.66 0.15 -39.55
C VAL A 133 -9.87 -0.61 -39.01
N GLY A 134 -10.06 -1.82 -39.52
CA GLY A 134 -11.14 -2.68 -39.08
C GLY A 134 -11.01 -3.03 -37.61
N ARG A 135 -9.79 -3.35 -37.19
CA ARG A 135 -9.53 -3.72 -35.81
C ARG A 135 -9.66 -2.55 -34.85
N LEU A 136 -9.33 -1.35 -35.34
CA LEU A 136 -9.28 -0.17 -34.48
C LEU A 136 -10.54 0.71 -34.53
N SER A 137 -11.33 0.57 -35.59
CA SER A 137 -12.54 1.37 -35.74
C SER A 137 -13.54 1.06 -34.62
N GLY A 138 -13.66 1.99 -33.67
CA GLY A 138 -14.57 1.82 -32.56
C GLY A 138 -13.99 0.97 -31.46
N ALA A 139 -12.66 0.87 -31.44
CA ALA A 139 -11.95 0.11 -30.44
C ALA A 139 -11.55 1.00 -29.26
N ARG A 140 -11.41 0.39 -28.09
CA ARG A 140 -11.00 1.12 -26.89
C ARG A 140 -9.49 1.13 -26.75
N THR A 141 -8.95 2.22 -26.19
CA THR A 141 -7.51 2.33 -25.98
C THR A 141 -7.20 3.19 -24.76
N LEU A 142 -5.93 3.24 -24.38
CA LEU A 142 -5.49 4.05 -23.26
C LEU A 142 -5.51 5.53 -23.59
N PRO A 143 -5.71 6.39 -22.57
CA PRO A 143 -5.62 7.83 -22.78
C PRO A 143 -4.19 8.21 -23.14
N SER A 144 -4.04 9.27 -23.92
CA SER A 144 -2.72 9.70 -24.41
C SER A 144 -1.76 10.00 -23.26
N ASN A 145 -2.30 10.56 -22.17
CA ASN A 145 -1.51 10.86 -20.99
C ASN A 145 -1.71 9.82 -19.89
N PHE A 146 -1.39 8.56 -20.20
CA PHE A 146 -1.59 7.46 -19.26
C PHE A 146 -0.31 7.10 -18.51
N TYR A 147 0.77 6.87 -19.26
CA TYR A 147 2.03 6.49 -18.66
C TYR A 147 2.79 7.69 -18.12
N ASN A 148 2.43 8.88 -18.59
CA ASN A 148 2.96 10.11 -18.01
C ASN A 148 2.43 10.27 -16.59
N LYS A 149 1.23 9.74 -16.36
CA LYS A 149 0.62 9.76 -15.03
C LYS A 149 1.11 8.59 -14.17
N ILE A 150 1.69 7.58 -14.82
CA ILE A 150 2.25 6.45 -14.10
C ILE A 150 3.56 6.82 -13.43
N ASN A 151 4.51 7.32 -14.22
CA ASN A 151 5.81 7.72 -13.69
C ASN A 151 5.71 8.80 -12.63
N ASP A 152 4.72 9.68 -12.79
CA ASP A 152 4.47 10.71 -11.80
C ASP A 152 3.98 10.10 -10.49
N SER A 153 3.27 8.98 -10.61
CA SER A 153 2.72 8.29 -9.44
C SER A 153 3.76 7.38 -8.81
N LEU A 154 4.90 7.23 -9.48
CA LEU A 154 5.98 6.40 -8.97
C LEU A 154 6.82 7.16 -7.94
N GLN A 155 6.86 8.49 -8.08
CA GLN A 155 7.69 9.32 -7.22
C GLN A 155 7.20 9.33 -5.77
N SER A 156 8.16 9.50 -4.85
CA SER A 156 7.85 9.59 -3.43
C SER A 156 7.84 11.05 -2.98
N ARG A 157 7.03 11.34 -1.98
CA ARG A 157 6.97 12.69 -1.43
C ARG A 157 8.25 13.03 -0.69
N PHE A 158 8.94 12.00 -0.22
CA PHE A 158 10.19 12.17 0.51
C PHE A 158 11.40 12.07 -0.40
N ARG A 159 12.49 12.72 0.00
CA ARG A 159 13.76 12.63 -0.73
C ARG A 159 14.86 12.20 0.22
N LEU A 160 16.03 11.92 -0.34
CA LEU A 160 17.18 11.51 0.46
C LEU A 160 17.69 12.65 1.34
N GLY A 161 18.00 12.33 2.59
CA GLY A 161 18.57 13.31 3.51
C GLY A 161 17.56 13.95 4.44
N LEU A 162 16.28 13.66 4.25
CA LEU A 162 15.23 14.24 5.08
C LEU A 162 15.23 13.67 6.49
N ASN A 163 14.99 14.53 7.47
CA ASN A 163 14.95 14.11 8.87
C ASN A 163 13.53 14.05 9.40
N LEU A 164 13.19 12.92 10.03
CA LEU A 164 11.84 12.75 10.56
C LEU A 164 11.83 11.92 11.84
N GLU A 165 10.92 12.27 12.75
CA GLU A 165 10.72 11.48 13.96
C GLU A 165 10.00 10.20 13.59
N CYS A 166 10.53 9.06 14.02
CA CYS A 166 9.87 7.78 13.77
C CYS A 166 10.05 6.82 14.93
N VAL A 167 9.13 5.87 15.06
CA VAL A 167 9.09 4.96 16.20
C VAL A 167 10.37 4.14 16.36
N ASP A 168 10.96 4.23 17.55
CA ASP A 168 12.14 3.45 17.89
C ASP A 168 11.78 1.97 17.95
N LYS A 169 12.42 1.17 17.10
CA LYS A 169 12.13 -0.26 17.06
C LYS A 169 12.75 -1.02 18.24
N ASP A 170 13.65 -0.34 18.96
CA ASP A 170 14.26 -0.92 20.14
C ASP A 170 13.57 -0.41 21.40
N ARG A 171 12.71 0.58 21.22
CA ARG A 171 11.92 1.14 22.30
C ARG A 171 10.68 1.86 21.75
N ILE A 172 9.63 1.09 21.51
CA ILE A 172 8.44 1.60 20.81
C ILE A 172 7.64 2.63 21.58
N SER A 173 8.08 2.97 22.78
CA SER A 173 7.39 3.98 23.58
C SER A 173 7.85 5.38 23.22
N GLN A 174 8.93 5.45 22.45
CA GLN A 174 9.50 6.73 22.04
C GLN A 174 9.80 6.75 20.55
N VAL A 175 9.88 7.95 19.98
CA VAL A 175 10.25 8.10 18.59
C VAL A 175 11.66 8.67 18.50
N ARG A 176 12.47 8.12 17.59
CA ARG A 176 13.83 8.60 17.40
C ARG A 176 13.97 9.41 16.12
N LEU A 177 14.89 10.38 16.14
CA LEU A 177 15.18 11.16 14.95
C LEU A 177 15.92 10.27 13.97
N ALA A 178 15.48 10.24 12.72
CA ALA A 178 16.11 9.41 11.70
C ALA A 178 16.20 10.13 10.36
N THR A 179 16.92 9.52 9.42
CA THR A 179 17.17 10.13 8.13
C THR A 179 16.89 9.18 6.96
N VAL A 180 16.20 9.68 5.95
CA VAL A 180 15.92 8.91 4.74
C VAL A 180 17.20 8.74 3.95
N THR A 181 17.74 7.51 3.95
CA THR A 181 19.01 7.24 3.31
C THR A 181 18.87 6.35 2.07
N LYS A 182 17.67 5.84 1.84
CA LYS A 182 17.39 5.05 0.64
C LYS A 182 15.89 4.95 0.34
N ILE A 183 15.53 5.20 -0.92
CA ILE A 183 14.13 5.12 -1.34
C ILE A 183 13.90 4.09 -2.44
N VAL A 184 13.12 3.06 -2.13
CA VAL A 184 12.69 2.08 -3.12
C VAL A 184 11.21 2.23 -3.43
N GLY A 185 10.91 2.83 -4.58
CA GLY A 185 9.54 3.17 -4.92
C GLY A 185 9.02 4.23 -3.96
N LYS A 186 8.26 3.78 -2.97
CA LYS A 186 7.72 4.68 -1.96
C LYS A 186 8.04 4.15 -0.57
N ARG A 187 8.84 3.09 -0.50
CA ARG A 187 9.33 2.58 0.77
C ARG A 187 10.66 3.21 1.14
N LEU A 188 10.70 3.85 2.31
CA LEU A 188 11.87 4.59 2.75
C LEU A 188 12.70 3.79 3.73
N PHE A 189 14.02 3.88 3.60
CA PHE A 189 14.92 3.33 4.60
C PHE A 189 15.36 4.45 5.54
N LEU A 190 14.91 4.38 6.79
CA LEU A 190 15.24 5.40 7.78
C LEU A 190 16.37 4.95 8.69
N ARG A 191 17.50 5.63 8.60
CA ARG A 191 18.64 5.35 9.46
C ARG A 191 18.59 6.28 10.67
N TYR A 192 18.60 5.71 11.87
CA TYR A 192 18.55 6.49 13.10
C TYR A 192 19.76 7.41 13.23
N PHE A 193 19.63 8.44 14.08
CA PHE A 193 20.63 9.49 14.16
C PHE A 193 21.91 9.06 14.88
N ASP A 194 21.75 8.33 15.98
CA ASP A 194 22.88 7.95 16.82
C ASP A 194 23.45 6.60 16.41
N SER A 195 22.91 6.02 15.35
CA SER A 195 23.26 4.65 14.98
C SER A 195 23.34 4.42 13.47
N ASP A 196 23.83 3.24 13.10
CA ASP A 196 23.80 2.79 11.71
C ASP A 196 22.68 1.77 11.53
N ASP A 197 22.02 1.43 12.62
CA ASP A 197 20.84 0.57 12.57
C ASP A 197 19.67 1.39 12.05
N GLY A 198 18.70 0.73 11.45
CA GLY A 198 17.53 1.40 10.90
C GLY A 198 16.45 0.44 10.46
N PHE A 199 15.44 0.95 9.77
CA PHE A 199 14.34 0.10 9.31
C PHE A 199 13.66 0.67 8.07
N TRP A 200 13.11 -0.22 7.25
CA TRP A 200 12.36 0.17 6.06
C TRP A 200 10.93 0.53 6.42
N CYS A 201 10.37 1.49 5.70
CA CYS A 201 9.04 1.96 6.00
C CYS A 201 8.42 2.66 4.79
N HIS A 202 7.14 2.40 4.56
CA HIS A 202 6.43 3.06 3.48
C HIS A 202 6.06 4.48 3.92
N GLU A 203 6.12 5.41 2.96
CA GLU A 203 5.92 6.84 3.25
C GLU A 203 4.56 7.17 3.85
N ASP A 204 3.58 6.28 3.67
CA ASP A 204 2.22 6.52 4.14
C ASP A 204 1.92 5.88 5.49
N SER A 205 2.89 5.16 6.04
CA SER A 205 2.71 4.46 7.30
C SER A 205 2.67 5.43 8.48
N PRO A 206 1.92 5.09 9.54
CA PRO A 206 1.73 5.98 10.69
C PRO A 206 2.79 5.89 11.78
N ILE A 207 3.90 5.20 11.53
CA ILE A 207 4.96 5.12 12.52
C ILE A 207 6.02 6.19 12.30
N ILE A 208 5.92 6.90 11.18
CA ILE A 208 6.82 8.02 10.90
C ILE A 208 6.05 9.33 11.03
N HIS A 209 6.76 10.37 11.49
CA HIS A 209 6.11 11.64 11.82
C HIS A 209 7.00 12.83 11.47
N PRO A 210 6.40 14.00 11.20
CA PRO A 210 7.19 15.18 10.84
C PRO A 210 7.99 15.74 12.01
N VAL A 211 8.95 16.61 11.70
CA VAL A 211 9.75 17.26 12.72
C VAL A 211 8.86 18.12 13.63
N GLY A 212 8.90 17.84 14.93
CA GLY A 212 8.11 18.59 15.88
C GLY A 212 6.76 17.93 16.15
N TRP A 213 6.68 16.64 15.89
CA TRP A 213 5.46 15.89 16.12
C TRP A 213 5.32 15.48 17.59
N ALA A 214 6.37 14.85 18.12
CA ALA A 214 6.36 14.38 19.50
C ALA A 214 6.25 15.54 20.48
N THR A 215 6.74 16.71 20.07
CA THR A 215 6.73 17.89 20.92
C THR A 215 5.31 18.40 21.20
N THR A 216 4.49 18.49 20.16
CA THR A 216 3.14 19.00 20.31
C THR A 216 2.18 17.92 20.79
N VAL A 217 2.33 16.72 20.25
CA VAL A 217 1.51 15.58 20.62
C VAL A 217 1.70 15.19 22.09
N GLY A 218 2.95 15.16 22.52
CA GLY A 218 3.28 14.78 23.89
C GLY A 218 3.86 13.39 23.94
N HIS A 219 4.49 12.98 22.84
CA HIS A 219 5.07 11.65 22.71
C HIS A 219 6.54 11.70 23.11
N ASN A 220 7.05 10.61 23.67
CA ASN A 220 8.45 10.53 24.06
C ASN A 220 9.37 10.63 22.85
N LEU A 221 10.40 11.46 22.97
CA LEU A 221 11.28 11.74 21.85
C LEU A 221 12.74 11.54 22.19
N ALA A 222 13.45 10.84 21.31
CA ALA A 222 14.89 10.67 21.43
C ALA A 222 15.56 11.31 20.21
N ALA A 223 16.42 12.29 20.49
CA ALA A 223 17.03 13.08 19.42
C ALA A 223 18.28 13.79 19.95
N PRO A 224 19.08 14.41 19.05
CA PRO A 224 20.22 15.20 19.50
C PRO A 224 19.83 16.31 20.49
N GLN A 225 20.80 16.74 21.30
CA GLN A 225 20.57 17.78 22.28
C GLN A 225 20.08 19.07 21.63
N ASP A 226 20.65 19.39 20.48
CA ASP A 226 20.27 20.61 19.76
C ASP A 226 18.83 20.53 19.27
N TYR A 227 18.44 19.37 18.74
CA TYR A 227 17.08 19.13 18.27
C TYR A 227 16.09 19.25 19.42
N LEU A 228 16.46 18.73 20.59
CA LEU A 228 15.61 18.80 21.77
C LEU A 228 15.37 20.25 22.21
N GLU A 229 16.45 21.02 22.24
CA GLU A 229 16.36 22.43 22.60
C GLU A 229 15.58 23.19 21.55
N ARG A 230 15.73 22.75 20.30
CA ARG A 230 15.06 23.39 19.18
C ARG A 230 13.55 23.22 19.29
N MET A 231 13.12 22.03 19.68
CA MET A 231 11.70 21.75 19.86
C MET A 231 11.15 22.51 21.06
N LEU A 232 11.97 22.62 22.09
CA LEU A 232 11.56 23.29 23.33
C LEU A 232 11.50 24.81 23.13
N ALA A 233 12.45 25.36 22.40
CA ALA A 233 12.52 26.81 22.19
C ALA A 233 11.39 27.31 21.32
N GLY A 234 10.87 26.43 20.46
CA GLY A 234 9.83 26.78 19.53
C GLY A 234 8.53 27.18 20.20
N ARG A 235 7.91 28.23 19.69
CA ARG A 235 6.67 28.72 20.26
C ARG A 235 5.60 28.87 19.18
N GLU A 236 4.64 27.95 19.19
CA GLU A 236 3.59 27.87 18.18
C GLU A 236 4.13 27.74 16.77
N ALA A 237 3.56 28.50 15.84
CA ALA A 237 3.86 28.33 14.42
C ALA A 237 5.24 28.81 14.00
N MET A 238 6.01 29.39 14.91
CA MET A 238 7.39 29.74 14.58
C MET A 238 8.43 28.95 15.40
N ILE A 239 8.79 27.79 14.88
CA ILE A 239 9.81 26.95 15.46
C ILE A 239 10.95 26.87 14.45
N GLU A 240 12.18 26.72 14.94
CA GLU A 240 13.33 26.63 14.05
C GLU A 240 13.30 25.38 13.18
N VAL A 241 13.27 25.58 11.86
CA VAL A 241 13.25 24.48 10.91
C VAL A 241 14.45 24.54 9.98
N HIS A 242 15.08 23.39 9.74
CA HIS A 242 16.25 23.32 8.86
C HIS A 242 15.91 22.82 7.46
N GLU A 243 16.91 22.87 6.56
CA GLU A 243 16.69 22.59 5.15
C GLU A 243 16.38 21.13 4.83
N ASP A 244 16.80 20.22 5.70
CA ASP A 244 16.54 18.80 5.49
C ASP A 244 15.52 18.25 6.48
N ASP A 245 14.63 19.11 6.95
CA ASP A 245 13.57 18.69 7.87
C ASP A 245 12.30 18.33 7.11
N ALA A 246 11.78 17.13 7.39
CA ALA A 246 10.52 16.69 6.81
C ALA A 246 9.36 17.25 7.63
N THR A 247 8.62 18.18 7.04
CA THR A 247 7.51 18.82 7.75
C THR A 247 6.16 18.15 7.47
N ILE A 248 5.13 18.62 8.16
CA ILE A 248 3.80 17.98 8.16
C ILE A 248 3.19 17.78 6.77
N GLU A 249 3.59 18.59 5.79
CA GLU A 249 3.00 18.52 4.45
C GLU A 249 3.30 17.20 3.71
N LEU A 250 4.18 16.38 4.26
CA LEU A 250 4.60 15.15 3.59
C LEU A 250 4.06 13.89 4.25
N PHE A 251 3.18 14.04 5.24
CA PHE A 251 2.74 12.91 6.05
C PHE A 251 1.24 12.66 5.95
N LYS A 252 0.89 11.48 5.44
CA LYS A 252 -0.50 11.07 5.28
C LYS A 252 -1.14 10.73 6.62
N MET A 253 -2.23 11.43 6.95
CA MET A 253 -2.94 11.19 8.20
C MET A 253 -4.32 10.60 7.95
N ASN A 254 -4.90 10.02 8.99
CA ASN A 254 -6.23 9.42 8.90
C ASN A 254 -7.26 10.38 9.48
N PHE A 255 -6.86 11.65 9.63
CA PHE A 255 -7.71 12.65 10.26
C PHE A 255 -7.20 14.06 9.98
N THR A 256 -7.94 15.06 10.44
CA THR A 256 -7.53 16.44 10.30
C THR A 256 -7.55 17.13 11.66
N PHE A 257 -6.79 18.21 11.79
CA PHE A 257 -6.73 18.96 13.04
C PHE A 257 -7.99 19.80 13.25
N ASP A 258 -8.82 19.87 12.22
CA ASP A 258 -10.11 20.55 12.33
C ASP A 258 -11.01 19.82 13.31
N GLU A 259 -10.82 18.50 13.40
CA GLU A 259 -11.65 17.65 14.24
C GLU A 259 -11.32 17.83 15.72
N TYR A 260 -10.20 18.48 16.00
CA TYR A 260 -9.79 18.76 17.36
C TYR A 260 -9.74 20.26 17.62
N TYR A 261 -9.77 20.65 18.89
CA TYR A 261 -9.66 22.06 19.26
C TYR A 261 -8.23 22.57 19.10
N SER A 262 -8.01 23.83 19.47
CA SER A 262 -6.70 24.46 19.30
C SER A 262 -5.63 23.79 20.16
N ASP A 263 -5.95 23.55 21.42
CA ASP A 263 -5.01 22.92 22.34
C ASP A 263 -4.78 21.44 22.01
N GLY A 264 -5.75 20.85 21.31
CA GLY A 264 -5.65 19.46 20.91
C GLY A 264 -5.97 18.49 22.01
N LYS A 265 -6.54 18.99 23.10
CA LYS A 265 -6.91 18.17 24.25
C LYS A 265 -8.17 17.37 23.97
N THR A 266 -8.00 16.07 23.77
CA THR A 266 -9.11 15.17 23.48
C THR A 266 -9.83 14.74 24.76
N ASN A 267 -11.12 14.43 24.63
CA ASN A 267 -11.93 13.99 25.76
C ASN A 267 -12.72 12.73 25.44
N SER A 268 -12.24 12.00 24.44
CA SER A 268 -12.89 10.76 24.00
C SER A 268 -12.49 9.60 24.91
N PHE A 269 -11.36 8.97 24.61
CA PHE A 269 -10.82 7.92 25.47
C PHE A 269 -10.30 8.49 26.77
N VAL A 270 -10.25 7.66 27.80
CA VAL A 270 -9.70 8.06 29.09
C VAL A 270 -8.70 6.99 29.56
N GLU A 271 -7.75 7.41 30.40
CA GLU A 271 -6.73 6.48 30.91
C GLU A 271 -7.37 5.34 31.71
N GLY A 272 -6.96 4.11 31.40
CA GLY A 272 -7.48 2.96 32.09
C GLY A 272 -8.54 2.19 31.32
N MET A 273 -9.01 2.78 30.22
CA MET A 273 -10.00 2.10 29.38
C MET A 273 -9.38 0.88 28.71
N LYS A 274 -10.18 -0.16 28.51
CA LYS A 274 -9.69 -1.39 27.90
C LYS A 274 -10.34 -1.63 26.54
N LEU A 275 -9.57 -2.22 25.64
CA LEU A 275 -10.00 -2.45 24.27
C LEU A 275 -9.15 -3.54 23.65
N GLU A 276 -9.43 -3.85 22.38
CA GLU A 276 -8.62 -4.81 21.65
C GLU A 276 -7.76 -4.07 20.64
N ALA A 277 -6.59 -4.63 20.32
CA ALA A 277 -5.69 -3.98 19.38
C ALA A 277 -4.73 -4.99 18.73
N VAL A 278 -4.29 -4.66 17.52
CA VAL A 278 -3.30 -5.48 16.83
C VAL A 278 -1.96 -5.29 17.52
N ASP A 279 -1.34 -6.40 17.90
CA ASP A 279 -0.02 -6.36 18.53
C ASP A 279 0.99 -5.83 17.53
N PRO A 280 1.57 -4.65 17.81
CA PRO A 280 2.51 -3.99 16.90
C PRO A 280 3.80 -4.78 16.75
N LEU A 281 4.12 -5.63 17.72
CA LEU A 281 5.34 -6.42 17.69
C LEU A 281 5.09 -7.84 17.15
N ASN A 282 3.85 -8.29 17.26
CA ASN A 282 3.44 -9.56 16.65
C ASN A 282 2.14 -9.38 15.89
N LEU A 283 2.25 -9.11 14.60
CA LEU A 283 1.11 -8.76 13.76
C LEU A 283 0.10 -9.90 13.59
N SER A 284 0.45 -11.08 14.10
CA SER A 284 -0.43 -12.25 13.97
C SER A 284 -1.37 -12.37 15.16
N SER A 285 -1.53 -11.29 15.91
CA SER A 285 -2.29 -11.35 17.15
C SER A 285 -3.04 -10.07 17.49
N ILE A 286 -4.36 -10.20 17.69
CA ILE A 286 -5.14 -9.14 18.30
C ILE A 286 -5.28 -9.48 19.78
N CYS A 287 -5.03 -8.50 20.64
CA CYS A 287 -5.00 -8.73 22.08
C CYS A 287 -5.69 -7.59 22.82
N PRO A 288 -6.30 -7.90 23.98
CA PRO A 288 -6.79 -6.85 24.88
C PRO A 288 -5.68 -5.84 25.18
N ALA A 289 -6.03 -4.56 25.15
CA ALA A 289 -5.06 -3.51 25.38
C ALA A 289 -5.60 -2.46 26.35
N THR A 290 -4.70 -1.75 27.01
CA THR A 290 -5.08 -0.77 28.02
C THR A 290 -4.62 0.64 27.64
N VAL A 291 -5.52 1.59 27.75
CA VAL A 291 -5.19 2.99 27.52
C VAL A 291 -4.33 3.49 28.67
N MET A 292 -3.04 3.64 28.40
CA MET A 292 -2.08 4.01 29.45
C MET A 292 -1.96 5.53 29.59
N ALA A 293 -1.68 6.20 28.47
CA ALA A 293 -1.50 7.64 28.48
C ALA A 293 -2.20 8.29 27.30
N VAL A 294 -3.12 9.20 27.60
CA VAL A 294 -3.84 9.94 26.57
C VAL A 294 -3.10 11.22 26.19
N LEU A 295 -2.56 11.25 24.98
CA LEU A 295 -1.83 12.41 24.50
C LEU A 295 -2.79 13.37 23.82
N LYS A 296 -2.25 14.30 23.02
CA LYS A 296 -3.09 15.31 22.38
C LYS A 296 -3.41 14.98 20.92
N PHE A 297 -4.49 15.57 20.41
CA PHE A 297 -4.97 15.36 19.05
C PHE A 297 -5.39 13.90 18.78
N GLY A 298 -5.93 13.24 19.80
CA GLY A 298 -6.46 11.90 19.65
C GLY A 298 -5.42 10.81 19.76
N TYR A 299 -4.15 11.19 19.83
CA TYR A 299 -3.09 10.22 20.00
C TYR A 299 -3.09 9.68 21.43
N MET A 300 -2.83 8.39 21.58
CA MET A 300 -2.79 7.76 22.90
C MET A 300 -1.79 6.61 22.97
N MET A 301 -1.14 6.48 24.11
CA MET A 301 -0.22 5.38 24.36
C MET A 301 -0.96 4.21 25.00
N ILE A 302 -1.02 3.10 24.28
CA ILE A 302 -1.64 1.89 24.82
C ILE A 302 -0.60 0.80 25.05
N ARG A 303 -0.97 -0.19 25.85
CA ARG A 303 -0.10 -1.33 26.11
C ARG A 303 -0.82 -2.65 25.85
N ILE A 304 -0.18 -3.52 25.07
CA ILE A 304 -0.70 -4.85 24.84
C ILE A 304 -0.67 -5.63 26.16
N ASP A 305 -1.80 -6.21 26.54
CA ASP A 305 -1.91 -6.89 27.85
C ASP A 305 -1.16 -8.21 27.91
N SER A 306 -0.96 -8.84 26.75
CA SER A 306 -0.24 -10.11 26.69
C SER A 306 1.26 -9.90 26.88
N TYR A 307 1.70 -8.65 26.79
CA TYR A 307 3.10 -8.31 27.01
C TYR A 307 3.56 -8.70 28.40
N GLN A 308 4.77 -9.25 28.48
CA GLN A 308 5.41 -9.53 29.76
C GLN A 308 5.59 -8.23 30.53
N PRO A 309 5.53 -8.30 31.87
CA PRO A 309 5.56 -7.09 32.70
C PRO A 309 6.79 -6.22 32.47
N ASP A 310 6.58 -4.90 32.55
CA ASP A 310 7.65 -3.93 32.37
C ASP A 310 7.28 -2.67 33.12
N ALA A 311 8.18 -2.19 33.96
CA ALA A 311 7.92 -1.04 34.80
C ALA A 311 8.51 0.24 34.21
N SER A 312 9.20 0.11 33.09
CA SER A 312 9.81 1.25 32.41
C SER A 312 8.83 1.92 31.45
N GLY A 313 7.74 1.22 31.16
CA GLY A 313 6.74 1.73 30.23
C GLY A 313 7.24 1.80 28.79
N SER A 314 8.33 1.07 28.52
CA SER A 314 8.95 1.10 27.21
C SER A 314 8.26 0.17 26.22
N ASP A 315 7.28 -0.59 26.72
CA ASP A 315 6.51 -1.48 25.88
C ASP A 315 5.20 -0.84 25.45
N TRP A 316 4.96 0.37 25.94
CA TRP A 316 3.78 1.14 25.55
C TRP A 316 3.92 1.56 24.09
N PHE A 317 2.82 1.49 23.34
CA PHE A 317 2.83 1.86 21.93
C PHE A 317 1.76 2.88 21.60
N CYS A 318 2.07 3.77 20.66
CA CYS A 318 1.15 4.85 20.30
C CYS A 318 0.23 4.50 19.15
N TYR A 319 -1.06 4.35 19.45
CA TYR A 319 -2.10 4.22 18.44
C TYR A 319 -2.96 5.47 18.45
N HIS A 320 -3.39 5.92 17.27
CA HIS A 320 -4.32 7.03 17.19
C HIS A 320 -5.75 6.52 17.37
N GLU A 321 -6.64 7.38 17.87
CA GLU A 321 -8.00 6.95 18.16
C GLU A 321 -8.81 6.62 16.91
N LYS A 322 -8.37 7.12 15.76
CA LYS A 322 -9.03 6.82 14.50
C LYS A 322 -8.24 5.77 13.71
N SER A 323 -7.52 4.91 14.42
CA SER A 323 -6.78 3.83 13.80
C SER A 323 -7.67 2.64 13.53
N PRO A 324 -7.48 1.99 12.37
CA PRO A 324 -8.23 0.79 12.01
C PRO A 324 -7.68 -0.42 12.74
N CYS A 325 -6.58 -0.25 13.45
CA CYS A 325 -5.93 -1.36 14.13
C CYS A 325 -6.26 -1.42 15.62
N ILE A 326 -7.25 -0.63 16.03
CA ILE A 326 -7.83 -0.77 17.37
C ILE A 326 -9.32 -1.09 17.26
N PHE A 327 -9.80 -1.93 18.17
CA PHE A 327 -11.17 -2.40 18.11
C PHE A 327 -11.82 -2.33 19.49
N PRO A 328 -13.15 -2.23 19.55
CA PRO A 328 -13.85 -2.33 20.84
C PRO A 328 -13.79 -3.76 21.35
N ALA A 329 -13.88 -3.95 22.65
CA ALA A 329 -13.78 -5.28 23.25
C ALA A 329 -14.85 -6.23 22.70
N GLY A 330 -14.49 -7.50 22.54
CA GLY A 330 -15.42 -8.50 22.04
C GLY A 330 -15.43 -8.58 20.53
N PHE A 331 -14.63 -7.74 19.89
CA PHE A 331 -14.54 -7.68 18.43
C PHE A 331 -14.10 -9.02 17.84
N CYS A 332 -13.23 -9.72 18.56
CA CYS A 332 -12.73 -11.01 18.11
C CYS A 332 -13.76 -12.11 18.28
N SER A 333 -14.53 -12.04 19.37
CA SER A 333 -15.55 -13.03 19.65
C SER A 333 -16.68 -12.94 18.63
N VAL A 334 -17.11 -11.72 18.37
CA VAL A 334 -18.18 -11.45 17.40
C VAL A 334 -17.80 -11.92 16.00
N ASN A 335 -16.61 -11.53 15.56
CA ASN A 335 -16.18 -11.85 14.21
C ASN A 335 -15.32 -13.12 14.12
N ASN A 336 -15.38 -13.93 15.17
CA ASN A 336 -14.68 -15.21 15.21
C ASN A 336 -13.17 -15.10 14.94
N ILE A 337 -12.48 -14.37 15.81
CA ILE A 337 -11.03 -14.22 15.70
C ILE A 337 -10.36 -14.77 16.95
N SER A 338 -9.31 -15.57 16.76
CA SER A 338 -8.57 -16.14 17.88
C SER A 338 -7.83 -15.06 18.66
N VAL A 339 -8.45 -14.58 19.72
CA VAL A 339 -7.89 -13.50 20.53
C VAL A 339 -6.78 -14.00 21.47
N THR A 340 -5.63 -13.35 21.41
CA THR A 340 -4.54 -13.65 22.34
C THR A 340 -4.88 -13.13 23.72
N PRO A 341 -4.91 -14.03 24.72
CA PRO A 341 -5.27 -13.64 26.08
C PRO A 341 -4.16 -12.86 26.77
N PRO A 342 -4.51 -12.03 27.76
CA PRO A 342 -3.52 -11.26 28.52
C PRO A 342 -2.61 -12.16 29.35
N ASN A 343 -1.56 -11.58 29.92
CA ASN A 343 -0.58 -12.34 30.71
C ASN A 343 -1.20 -12.96 31.96
N GLY A 344 -1.10 -14.28 32.06
CA GLY A 344 -1.64 -15.00 33.21
C GLY A 344 -2.97 -15.66 32.92
N TYR A 345 -3.42 -15.54 31.67
CA TYR A 345 -4.68 -16.12 31.23
C TYR A 345 -4.46 -17.14 30.13
N ASP A 346 -5.28 -18.18 30.12
CA ASP A 346 -5.19 -19.21 29.09
C ASP A 346 -6.28 -19.01 28.04
N SER A 347 -6.09 -19.64 26.88
CA SER A 347 -6.99 -19.45 25.74
C SER A 347 -8.44 -19.77 26.06
N ARG A 348 -8.71 -21.03 26.42
CA ARG A 348 -10.07 -21.48 26.68
C ARG A 348 -10.72 -20.74 27.84
N THR A 349 -9.94 -20.50 28.88
CA THR A 349 -10.46 -19.85 30.08
C THR A 349 -10.25 -18.34 30.05
N PHE A 350 -10.93 -17.67 29.11
CA PHE A 350 -10.89 -16.21 29.04
C PHE A 350 -12.18 -15.61 28.50
N THR A 351 -12.79 -14.73 29.28
CA THR A 351 -13.92 -13.93 28.84
C THR A 351 -13.70 -12.49 29.26
N TRP A 352 -14.30 -11.54 28.55
CA TRP A 352 -14.17 -10.14 28.91
C TRP A 352 -14.86 -9.84 30.23
N GLU A 353 -16.05 -10.41 30.41
CA GLU A 353 -16.81 -10.22 31.64
C GLU A 353 -16.02 -10.67 32.86
N GLY A 354 -15.33 -11.81 32.72
CA GLY A 354 -14.51 -12.34 33.79
C GLY A 354 -13.22 -11.56 33.95
N TYR A 355 -12.81 -10.88 32.88
CA TYR A 355 -11.57 -10.11 32.90
C TYR A 355 -11.80 -8.71 33.44
N LEU A 356 -12.99 -8.16 33.19
CA LEU A 356 -13.34 -6.86 33.76
C LEU A 356 -13.69 -7.02 35.24
N ARG A 357 -14.06 -8.23 35.62
CA ARG A 357 -14.34 -8.55 37.02
C ARG A 357 -13.06 -8.51 37.83
N ASP A 358 -12.00 -9.10 37.28
CA ASP A 358 -10.72 -9.18 37.97
C ASP A 358 -10.08 -7.81 38.16
N THR A 359 -9.89 -7.09 37.07
CA THR A 359 -9.20 -5.80 37.10
C THR A 359 -10.09 -4.68 37.62
N GLY A 360 -11.39 -4.80 37.40
CA GLY A 360 -12.33 -3.76 37.82
C GLY A 360 -12.19 -2.52 36.96
N ALA A 361 -11.99 -2.73 35.66
CA ALA A 361 -11.79 -1.64 34.72
C ALA A 361 -12.88 -1.62 33.65
N VAL A 362 -13.38 -0.43 33.34
CA VAL A 362 -14.43 -0.27 32.34
C VAL A 362 -13.87 -0.45 30.93
N ALA A 363 -14.60 -1.16 30.08
CA ALA A 363 -14.21 -1.30 28.68
C ALA A 363 -14.50 -0.02 27.91
N ALA A 364 -13.73 0.24 26.86
CA ALA A 364 -13.91 1.44 26.06
C ALA A 364 -15.28 1.40 25.37
N GLY A 365 -15.93 2.56 25.31
CA GLY A 365 -17.25 2.65 24.70
C GLY A 365 -17.25 2.29 23.24
N GLN A 366 -18.36 1.72 22.79
CA GLN A 366 -18.52 1.34 21.39
C GLN A 366 -18.51 2.57 20.49
N HIS A 367 -18.94 3.70 21.05
CA HIS A 367 -19.03 4.95 20.28
C HIS A 367 -17.66 5.57 20.02
N LEU A 368 -16.71 5.29 20.91
CA LEU A 368 -15.36 5.83 20.79
C LEU A 368 -14.65 5.30 19.54
N PHE A 369 -15.12 4.16 19.04
CA PHE A 369 -14.55 3.57 17.83
C PHE A 369 -15.42 3.89 16.62
N HIS A 370 -14.80 4.42 15.57
CA HIS A 370 -15.52 4.76 14.35
C HIS A 370 -14.97 3.96 13.17
N ARG A 371 -15.54 2.79 12.94
CA ARG A 371 -15.08 1.91 11.87
C ARG A 371 -16.02 1.94 10.67
N ILE A 372 -15.48 2.32 9.51
CA ILE A 372 -16.24 2.36 8.28
C ILE A 372 -15.62 1.44 7.25
N ILE A 373 -16.40 0.49 6.76
CA ILE A 373 -15.91 -0.47 5.78
C ILE A 373 -16.06 0.06 4.36
N PRO A 374 -14.93 0.32 3.69
CA PRO A 374 -14.94 0.82 2.31
C PRO A 374 -15.19 -0.31 1.34
N ASP A 375 -15.51 0.03 0.09
CA ASP A 375 -15.61 -0.95 -0.96
C ASP A 375 -14.21 -1.28 -1.45
N HIS A 376 -13.43 -1.89 -0.58
CA HIS A 376 -12.02 -2.15 -0.85
C HIS A 376 -11.81 -3.25 -1.88
N GLY A 377 -12.84 -4.08 -2.07
CA GLY A 377 -12.84 -5.08 -3.12
C GLY A 377 -11.88 -6.24 -2.91
N PHE A 378 -11.42 -6.42 -1.67
CA PHE A 378 -10.56 -7.54 -1.34
C PHE A 378 -11.38 -8.79 -1.08
N GLU A 379 -11.03 -9.89 -1.74
CA GLU A 379 -11.69 -11.16 -1.53
C GLU A 379 -10.71 -12.24 -1.11
N VAL A 380 -11.21 -13.21 -0.34
CA VAL A 380 -10.38 -14.32 0.14
C VAL A 380 -9.86 -15.15 -1.04
N GLY A 381 -8.55 -15.32 -1.09
CA GLY A 381 -7.92 -16.09 -2.16
C GLY A 381 -7.12 -15.21 -3.10
N MET A 382 -7.41 -13.92 -3.09
CA MET A 382 -6.70 -12.96 -3.94
C MET A 382 -5.21 -12.89 -3.59
N SER A 383 -4.38 -13.16 -4.58
CA SER A 383 -2.93 -13.13 -4.40
C SER A 383 -2.39 -11.71 -4.44
N LEU A 384 -1.45 -11.41 -3.56
CA LEU A 384 -0.82 -10.10 -3.51
C LEU A 384 0.59 -10.17 -2.94
N GLU A 385 1.30 -9.05 -2.98
CA GLU A 385 2.65 -8.97 -2.43
C GLU A 385 2.63 -8.18 -1.13
N CYS A 386 3.01 -8.83 -0.04
CA CYS A 386 2.96 -8.23 1.29
C CYS A 386 4.34 -8.10 1.93
N ALA A 387 4.54 -7.05 2.70
CA ALA A 387 5.81 -6.82 3.39
C ALA A 387 5.74 -7.29 4.84
N ASP A 388 6.74 -8.07 5.24
CA ASP A 388 6.85 -8.54 6.62
C ASP A 388 7.11 -7.35 7.53
N LEU A 389 6.19 -7.09 8.46
CA LEU A 389 6.32 -5.93 9.34
C LEU A 389 7.52 -6.04 10.27
N MET A 390 7.82 -7.26 10.71
CA MET A 390 8.93 -7.50 11.64
C MET A 390 10.26 -7.63 10.92
N ASP A 391 10.22 -7.56 9.60
CA ASP A 391 11.43 -7.50 8.79
C ASP A 391 11.10 -6.79 7.48
N PRO A 392 10.84 -5.47 7.56
CA PRO A 392 10.32 -4.67 6.44
C PRO A 392 11.25 -4.57 5.23
N ARG A 393 12.37 -5.28 5.27
CA ARG A 393 13.25 -5.34 4.11
C ARG A 393 12.64 -6.28 3.09
N LEU A 394 11.79 -7.17 3.59
CA LEU A 394 11.20 -8.22 2.76
C LEU A 394 9.75 -7.93 2.35
N VAL A 395 9.48 -8.07 1.07
CA VAL A 395 8.11 -8.08 0.57
C VAL A 395 7.86 -9.44 -0.05
N CYS A 396 6.96 -10.21 0.55
CA CYS A 396 6.80 -11.61 0.20
C CYS A 396 5.52 -11.91 -0.57
N VAL A 397 5.49 -13.10 -1.19
CA VAL A 397 4.29 -13.59 -1.85
C VAL A 397 3.23 -13.90 -0.80
N ALA A 398 2.03 -13.37 -0.99
CA ALA A 398 0.99 -13.51 0.02
C ALA A 398 -0.40 -13.80 -0.57
N THR A 399 -1.37 -14.04 0.31
CA THR A 399 -2.73 -14.35 -0.10
C THR A 399 -3.71 -13.96 1.00
N VAL A 400 -4.82 -13.33 0.62
CA VAL A 400 -5.84 -12.92 1.57
C VAL A 400 -6.54 -14.13 2.16
N ALA A 401 -6.39 -14.32 3.47
CA ALA A 401 -6.99 -15.47 4.15
C ALA A 401 -8.40 -15.16 4.65
N ARG A 402 -8.57 -14.00 5.27
CA ARG A 402 -9.88 -13.59 5.77
C ARG A 402 -10.17 -12.13 5.49
N VAL A 403 -11.45 -11.80 5.37
CA VAL A 403 -11.86 -10.41 5.19
C VAL A 403 -12.90 -10.02 6.23
N VAL A 404 -12.43 -9.53 7.37
CA VAL A 404 -13.32 -9.11 8.45
C VAL A 404 -13.66 -7.63 8.33
N GLY A 405 -14.76 -7.33 7.65
CA GLY A 405 -15.15 -5.95 7.40
C GLY A 405 -14.12 -5.26 6.53
N ARG A 406 -13.33 -4.39 7.15
CA ARG A 406 -12.26 -3.71 6.44
C ARG A 406 -10.90 -4.27 6.86
N LEU A 407 -10.91 -5.11 7.90
CA LEU A 407 -9.71 -5.75 8.39
C LEU A 407 -9.38 -7.01 7.58
N LEU A 408 -8.13 -7.14 7.18
CA LEU A 408 -7.67 -8.31 6.43
C LEU A 408 -6.79 -9.22 7.27
N LYS A 409 -6.72 -10.49 6.89
CA LYS A 409 -5.76 -11.42 7.47
C LYS A 409 -4.89 -11.98 6.35
N VAL A 410 -3.69 -11.42 6.21
CA VAL A 410 -2.81 -11.79 5.10
C VAL A 410 -1.90 -12.96 5.45
N HIS A 411 -1.92 -13.99 4.61
CA HIS A 411 -1.13 -15.18 4.83
C HIS A 411 0.00 -15.30 3.81
N PHE A 412 1.16 -15.76 4.27
CA PHE A 412 2.32 -15.95 3.39
C PHE A 412 2.28 -17.34 2.77
N ASP A 413 2.40 -17.39 1.45
CA ASP A 413 2.33 -18.65 0.72
C ASP A 413 3.50 -19.57 1.05
N GLY A 414 3.20 -20.70 1.69
CA GLY A 414 4.19 -21.71 2.00
C GLY A 414 4.72 -21.64 3.41
N TRP A 415 3.97 -21.01 4.30
CA TRP A 415 4.38 -20.87 5.69
C TRP A 415 3.22 -21.17 6.64
N THR A 416 3.51 -21.22 7.93
CA THR A 416 2.51 -21.55 8.94
C THR A 416 1.53 -20.41 9.14
N ASP A 417 0.42 -20.70 9.82
CA ASP A 417 -0.63 -19.72 10.02
C ASP A 417 -0.35 -18.77 11.18
N GLU A 418 0.82 -18.92 11.80
CA GLU A 418 1.21 -18.06 12.91
C GLU A 418 2.13 -16.94 12.42
N TYR A 419 2.63 -17.10 11.19
CA TYR A 419 3.46 -16.09 10.55
C TYR A 419 2.61 -15.08 9.80
N ASP A 420 1.28 -15.28 9.84
CA ASP A 420 0.35 -14.37 9.20
C ASP A 420 0.35 -13.01 9.87
N GLN A 421 -0.41 -12.07 9.33
CA GLN A 421 -0.52 -10.74 9.92
C GLN A 421 -1.82 -10.01 9.61
N TRP A 422 -2.46 -9.52 10.66
CA TRP A 422 -3.70 -8.76 10.52
C TRP A 422 -3.40 -7.34 10.03
N LEU A 423 -3.67 -7.10 8.75
CA LEU A 423 -3.46 -5.79 8.15
C LEU A 423 -4.78 -5.14 7.73
N ASP A 424 -4.83 -3.81 7.76
CA ASP A 424 -5.99 -3.08 7.29
C ASP A 424 -6.01 -3.11 5.77
N CYS A 425 -7.20 -2.99 5.19
CA CYS A 425 -7.36 -3.01 3.74
C CYS A 425 -6.60 -1.88 3.06
N GLU A 426 -6.43 -0.77 3.77
CA GLU A 426 -5.72 0.38 3.24
C GLU A 426 -4.31 0.50 3.85
N SER A 427 -3.74 -0.62 4.26
CA SER A 427 -2.37 -0.65 4.74
C SER A 427 -1.42 -0.32 3.62
N ALA A 428 -0.32 0.34 3.96
CA ALA A 428 0.69 0.70 2.97
C ALA A 428 1.73 -0.40 2.83
N ASP A 429 1.45 -1.55 3.42
CA ASP A 429 2.38 -2.68 3.41
C ASP A 429 1.96 -3.76 2.42
N ILE A 430 0.75 -3.62 1.88
CA ILE A 430 0.27 -4.55 0.86
C ILE A 430 0.37 -3.92 -0.53
N TYR A 431 0.76 -4.74 -1.51
CA TYR A 431 1.00 -4.24 -2.86
C TYR A 431 0.41 -5.18 -3.90
N PRO A 432 -0.01 -4.63 -5.05
CA PRO A 432 -0.56 -5.46 -6.14
C PRO A 432 0.50 -6.39 -6.71
N VAL A 433 0.08 -7.49 -7.32
CA VAL A 433 1.02 -8.43 -7.92
C VAL A 433 1.85 -7.76 -9.01
N GLY A 434 3.17 -7.94 -8.94
CA GLY A 434 4.06 -7.35 -9.92
C GLY A 434 4.58 -5.99 -9.50
N TRP A 435 4.30 -5.61 -8.25
CA TRP A 435 4.78 -4.35 -7.71
C TRP A 435 6.30 -4.38 -7.54
N CYS A 436 6.81 -5.51 -7.05
CA CYS A 436 8.24 -5.67 -6.83
C CYS A 436 9.02 -5.57 -8.14
N VAL A 437 8.39 -5.99 -9.23
CA VAL A 437 9.02 -5.91 -10.55
C VAL A 437 8.95 -4.47 -11.06
N LEU A 438 7.93 -3.75 -10.62
CA LEU A 438 7.72 -2.38 -11.04
C LEU A 438 8.70 -1.41 -10.38
N VAL A 439 8.92 -1.59 -9.08
CA VAL A 439 9.78 -0.70 -8.31
C VAL A 439 11.17 -1.28 -8.07
N ASN A 440 11.45 -2.40 -8.74
CA ASN A 440 12.73 -3.11 -8.60
C ASN A 440 13.01 -3.53 -7.16
N HIS A 441 12.04 -4.19 -6.53
CA HIS A 441 12.20 -4.70 -5.18
C HIS A 441 12.28 -6.22 -5.23
N LYS A 442 13.04 -6.83 -4.33
CA LYS A 442 13.16 -8.28 -4.34
C LYS A 442 11.96 -8.94 -3.67
N LEU A 443 11.30 -9.83 -4.42
CA LEU A 443 10.11 -10.52 -3.94
C LEU A 443 10.44 -11.88 -3.35
N GLU A 444 10.12 -12.05 -2.07
CA GLU A 444 10.39 -13.31 -1.38
C GLU A 444 9.28 -14.33 -1.63
N GLY A 445 9.64 -15.45 -2.24
CA GLY A 445 8.68 -16.49 -2.54
C GLY A 445 8.61 -17.55 -1.46
N PRO A 446 7.81 -18.60 -1.70
CA PRO A 446 7.67 -19.74 -0.79
C PRO A 446 9.02 -20.46 -0.61
N PRO A 447 9.19 -21.16 0.52
CA PRO A 447 10.45 -21.85 0.82
C PRO A 447 10.71 -23.02 -0.12
N ARG A 448 11.96 -23.45 -0.22
CA ARG A 448 12.32 -24.56 -1.08
C ARG A 448 12.09 -25.90 -0.40
N SER B 34 -17.22 13.62 -13.48
CA SER B 34 -17.75 12.45 -14.20
C SER B 34 -16.76 11.93 -15.24
N ARG B 35 -16.56 10.61 -15.23
CA ARG B 35 -15.67 9.95 -16.18
C ARG B 35 -16.43 9.43 -17.38
N ARG B 36 -16.08 9.89 -18.58
CA ARG B 36 -16.80 9.52 -19.79
C ARG B 36 -15.88 9.16 -20.95
N TRP B 37 -16.44 8.55 -21.99
CA TRP B 37 -15.69 8.20 -23.19
C TRP B 37 -15.52 9.42 -24.10
N GLU B 38 -14.39 9.46 -24.80
CA GLU B 38 -14.14 10.53 -25.76
C GLU B 38 -13.50 9.98 -27.02
N GLN B 39 -13.86 10.54 -28.18
CA GLN B 39 -13.30 10.10 -29.44
C GLN B 39 -11.89 10.65 -29.65
N LYS B 40 -10.95 9.74 -29.94
CA LYS B 40 -9.56 10.11 -30.11
C LYS B 40 -9.06 9.73 -31.51
N LEU B 41 -8.76 10.75 -32.31
CA LEU B 41 -8.21 10.51 -33.65
C LEU B 41 -6.74 10.14 -33.55
N VAL B 42 -6.43 8.89 -33.88
CA VAL B 42 -5.04 8.42 -33.83
C VAL B 42 -4.49 8.23 -35.23
N HIS B 43 -3.18 8.34 -35.37
CA HIS B 43 -2.52 8.14 -36.66
C HIS B 43 -1.67 6.88 -36.62
N ILE B 44 -1.52 6.24 -37.78
CA ILE B 44 -0.71 5.03 -37.89
C ILE B 44 0.21 5.12 -39.09
N LYS B 45 1.50 4.91 -38.87
CA LYS B 45 2.48 4.97 -39.94
C LYS B 45 2.94 3.58 -40.38
N THR B 46 2.95 3.37 -41.69
CA THR B 46 3.48 2.15 -42.29
C THR B 46 4.14 2.52 -43.60
N MET B 47 4.89 1.59 -44.19
CA MET B 47 5.51 1.85 -45.49
C MET B 47 4.48 1.73 -46.62
N GLU B 48 4.35 2.77 -47.43
CA GLU B 48 5.08 4.02 -47.24
C GLU B 48 4.12 5.18 -46.99
N GLY B 49 2.96 4.88 -46.42
CA GLY B 49 1.92 5.87 -46.23
C GLY B 49 1.45 6.07 -44.80
N GLU B 50 0.46 6.95 -44.65
CA GLU B 50 -0.10 7.28 -43.33
C GLU B 50 -1.62 7.35 -43.41
N PHE B 51 -2.28 6.93 -42.34
CA PHE B 51 -3.74 7.02 -42.27
C PHE B 51 -4.20 7.25 -40.83
N SER B 52 -5.50 7.49 -40.66
CA SER B 52 -6.05 7.82 -39.35
C SER B 52 -7.29 7.02 -39.01
N VAL B 53 -7.40 6.63 -37.74
CA VAL B 53 -8.56 5.89 -37.23
C VAL B 53 -9.06 6.55 -35.95
N THR B 54 -10.36 6.46 -35.70
CA THR B 54 -10.96 7.04 -34.50
C THR B 54 -11.26 5.99 -33.45
N MET B 55 -10.67 6.15 -32.27
CA MET B 55 -10.85 5.20 -31.17
C MET B 55 -11.45 5.87 -29.93
N TRP B 56 -11.56 5.09 -28.85
CA TRP B 56 -12.14 5.59 -27.61
C TRP B 56 -11.16 5.56 -26.45
N ALA B 57 -11.23 6.58 -25.60
CA ALA B 57 -10.36 6.68 -24.44
C ALA B 57 -11.15 7.21 -23.24
N SER B 58 -10.84 6.69 -22.06
CA SER B 58 -11.56 7.06 -20.85
C SER B 58 -10.95 8.29 -20.17
N GLY B 59 -11.78 9.31 -19.95
CA GLY B 59 -11.33 10.52 -19.29
C GLY B 59 -12.41 11.13 -18.41
#